data_7NL3
#
_entry.id   7NL3
#
_cell.length_a   34.780
_cell.length_b   80.620
_cell.length_c   80.860
_cell.angle_alpha   90.000
_cell.angle_beta   90.000
_cell.angle_gamma   90.000
#
_symmetry.space_group_name_H-M   'P 21 21 21'
#
loop_
_entity.id
_entity.type
_entity.pdbx_description
1 polymer 'Alginate lyase (PL7)'
2 non-polymer 2-[BIS-(2-HYDROXY-ETHYL)-AMINO]-2-HYDROXYMETHYL-PROPANE-1,3-DIOL
3 water water
#
_entity_poly.entity_id   1
_entity_poly.type   'polypeptide(L)'
_entity_poly.pdbx_seq_one_letter_code
;EFYTAPSTESKFTEVLSKAKLQYPTSTTVAFADDLLDGYAASYFYLTSDLYMQFQVAGSSQRSELREMETSGDEAAWDCT
GSTAHVASAQIAIPVQEDGIEEVTILQVHDSDVTPVLRISWVSSITIDGVTSEDVVLATIRNGIDDSTATKTVLQAHTTS
RTEFNINVQNSKLSITVDGTTELDEADISQFDGSTCYFKAGAFNNNPTDTSANARIKMYELEWVDHHHHHH
;
_entity_poly.pdbx_strand_id   A
#
# COMPACT_ATOMS: atom_id res chain seq x y z
N PHE A 2 6.98 -23.67 8.21
CA PHE A 2 7.46 -23.37 9.56
C PHE A 2 7.30 -21.88 9.90
N TYR A 3 6.42 -21.19 9.20
CA TYR A 3 6.18 -19.77 9.40
C TYR A 3 4.99 -19.56 10.33
N THR A 4 5.09 -18.54 11.19
CA THR A 4 3.96 -18.13 12.03
C THR A 4 2.99 -17.24 11.26
N ALA A 5 1.71 -17.46 11.49
CA ALA A 5 0.72 -16.72 10.72
C ALA A 5 0.41 -15.37 11.35
N PRO A 6 0.30 -14.32 10.51
CA PRO A 6 -0.19 -13.02 11.01
C PRO A 6 -1.51 -13.07 11.72
N SER A 7 -2.37 -14.06 11.40
CA SER A 7 -3.67 -14.19 12.06
C SER A 7 -3.55 -14.56 13.52
N THR A 8 -2.37 -15.00 13.97
CA THR A 8 -2.20 -15.27 15.38
C THR A 8 -2.21 -14.00 16.22
N GLU A 9 -2.14 -12.82 15.62
CA GLU A 9 -2.18 -11.56 16.34
C GLU A 9 -3.53 -10.88 16.11
N SER A 10 -4.27 -10.65 17.20
CA SER A 10 -5.60 -10.09 17.04
C SER A 10 -5.59 -8.71 16.44
N LYS A 11 -4.46 -7.99 16.50
CA LYS A 11 -4.40 -6.66 15.89
C LYS A 11 -4.61 -6.73 14.40
N PHE A 12 -4.45 -7.91 13.81
CA PHE A 12 -4.62 -8.06 12.39
C PHE A 12 -5.91 -8.75 12.02
N THR A 13 -6.68 -9.24 13.00
CA THR A 13 -7.88 -10.02 12.67
C THR A 13 -8.82 -9.23 11.76
N GLU A 14 -9.10 -7.99 12.12
CA GLU A 14 -10.11 -7.27 11.36
C GLU A 14 -9.67 -7.01 9.92
N VAL A 15 -8.44 -6.52 9.72
CA VAL A 15 -8.02 -6.22 8.36
C VAL A 15 -7.92 -7.48 7.52
N LEU A 16 -7.44 -8.59 8.11
CA LEU A 16 -7.42 -9.85 7.37
C LEU A 16 -8.83 -10.30 7.00
N SER A 17 -9.80 -10.06 7.87
CA SER A 17 -11.19 -10.37 7.55
C SER A 17 -11.67 -9.53 6.39
N LYS A 18 -11.05 -8.38 6.20
CA LYS A 18 -11.40 -7.44 5.15
C LYS A 18 -10.31 -7.39 4.07
N ALA A 19 -9.76 -8.54 3.73
CA ALA A 19 -8.67 -8.59 2.76
C ALA A 19 -8.62 -9.92 2.06
N LYS A 20 -7.97 -9.91 0.91
CA LYS A 20 -7.40 -11.14 0.34
C LYS A 20 -5.97 -10.85 -0.08
N LEU A 21 -5.15 -11.88 -0.10
CA LEU A 21 -3.72 -11.76 -0.37
C LEU A 21 -3.43 -12.20 -1.80
N GLN A 22 -2.74 -11.33 -2.56
CA GLN A 22 -2.33 -11.59 -3.93
C GLN A 22 -0.81 -11.82 -3.97
N TYR A 23 -0.40 -12.89 -4.63
CA TYR A 23 1.01 -13.22 -4.80
C TYR A 23 1.14 -14.23 -5.92
N PRO A 24 2.12 -14.11 -6.80
CA PRO A 24 3.09 -13.00 -6.89
C PRO A 24 2.61 -11.96 -7.87
N THR A 25 1.44 -12.19 -8.48
CA THR A 25 0.86 -11.21 -9.41
C THR A 25 -0.53 -10.85 -8.89
N SER A 26 -1.47 -10.60 -9.80
CA SER A 26 -2.82 -10.20 -9.37
C SER A 26 -3.64 -11.35 -8.81
N THR A 27 -3.28 -12.60 -9.11
CA THR A 27 -4.07 -13.74 -8.67
C THR A 27 -4.09 -13.87 -7.16
N THR A 28 -5.29 -14.03 -6.60
CA THR A 28 -5.43 -14.27 -5.17
C THR A 28 -4.89 -15.65 -4.77
N VAL A 29 -4.06 -15.69 -3.74
CA VAL A 29 -3.62 -16.97 -3.19
C VAL A 29 -4.37 -17.32 -1.91
N ALA A 30 -4.84 -16.31 -1.17
CA ALA A 30 -5.48 -16.55 0.11
C ALA A 30 -6.58 -15.53 0.32
N PHE A 31 -7.80 -16.03 0.46
CA PHE A 31 -8.94 -15.20 0.80
C PHE A 31 -8.97 -14.96 2.31
N ALA A 32 -9.93 -14.15 2.74
CA ALA A 32 -10.02 -13.80 4.15
C ALA A 32 -10.13 -15.03 5.02
N ASP A 33 -10.99 -15.99 4.66
CA ASP A 33 -11.12 -17.18 5.50
C ASP A 33 -9.81 -17.97 5.57
N ASP A 34 -9.06 -18.05 4.46
CA ASP A 34 -7.73 -18.67 4.48
C ASP A 34 -6.76 -17.91 5.39
N LEU A 35 -6.74 -16.58 5.29
CA LEU A 35 -5.87 -15.73 6.11
C LEU A 35 -6.18 -15.92 7.58
N LEU A 36 -7.47 -15.95 7.95
CA LEU A 36 -7.85 -16.11 9.34
C LEU A 36 -7.55 -17.51 9.85
N ASP A 37 -7.47 -18.52 8.98
CA ASP A 37 -7.17 -19.88 9.35
C ASP A 37 -5.68 -20.14 9.51
N GLY A 38 -4.87 -19.11 9.45
CA GLY A 38 -3.43 -19.25 9.66
C GLY A 38 -2.56 -19.33 8.42
N TYR A 39 -3.01 -18.78 7.30
CA TYR A 39 -2.15 -18.75 6.11
C TYR A 39 -0.82 -18.08 6.43
N ALA A 40 0.27 -18.75 6.06
CA ALA A 40 1.60 -18.17 6.17
C ALA A 40 2.51 -18.82 5.13
N ALA A 41 3.47 -18.04 4.67
CA ALA A 41 4.39 -18.46 3.61
C ALA A 41 5.61 -17.55 3.69
N SER A 42 6.66 -17.89 2.91
CA SER A 42 7.87 -17.08 2.92
C SER A 42 7.57 -15.64 2.55
N TYR A 43 6.53 -15.42 1.74
CA TYR A 43 6.17 -14.10 1.25
C TYR A 43 5.18 -13.38 2.15
N PHE A 44 4.73 -14.01 3.24
CA PHE A 44 3.68 -13.45 4.08
C PHE A 44 3.71 -14.18 5.42
N TYR A 45 4.41 -13.61 6.41
CA TYR A 45 4.40 -14.24 7.72
C TYR A 45 4.63 -13.21 8.82
N LEU A 46 4.45 -13.70 10.05
CA LEU A 46 4.60 -12.93 11.28
C LEU A 46 6.01 -13.10 11.82
N THR A 47 6.70 -12.00 12.02
CA THR A 47 8.05 -12.03 12.57
C THR A 47 7.98 -12.20 14.10
N SER A 48 9.14 -12.51 14.68
CA SER A 48 9.18 -12.80 16.10
C SER A 48 8.82 -11.59 16.94
N ASP A 49 8.99 -10.36 16.41
CA ASP A 49 8.59 -9.15 17.12
C ASP A 49 7.29 -8.57 16.55
N LEU A 50 6.50 -9.42 15.89
CA LEU A 50 5.07 -9.22 15.68
C LEU A 50 4.75 -8.24 14.55
N TYR A 51 5.61 -8.24 13.54
CA TYR A 51 5.35 -7.57 12.28
C TYR A 51 4.79 -8.56 11.28
N MET A 52 3.85 -8.08 10.50
CA MET A 52 3.38 -8.75 9.30
C MET A 52 4.31 -8.40 8.16
N GLN A 53 5.08 -9.38 7.69
CA GLN A 53 6.12 -9.14 6.69
C GLN A 53 5.72 -9.69 5.33
N PHE A 54 5.86 -8.85 4.31
CA PHE A 54 5.64 -9.17 2.92
C PHE A 54 6.99 -9.20 2.21
N GLN A 55 7.19 -10.17 1.32
CA GLN A 55 8.46 -10.30 0.64
C GLN A 55 8.21 -10.89 -0.74
N VAL A 56 8.90 -10.35 -1.76
CA VAL A 56 8.67 -10.77 -3.14
C VAL A 56 9.86 -10.35 -3.99
N ALA A 57 10.18 -11.20 -4.99
CA ALA A 57 11.20 -10.97 -5.98
C ALA A 57 10.56 -10.88 -7.35
N GLY A 58 11.21 -10.18 -8.25
CA GLY A 58 10.78 -10.13 -9.64
C GLY A 58 10.10 -8.82 -10.01
N SER A 59 10.19 -8.48 -11.31
CA SER A 59 9.71 -7.19 -11.79
C SER A 59 8.19 -7.13 -11.76
N SER A 60 7.67 -6.11 -11.11
CA SER A 60 6.24 -5.86 -10.97
C SER A 60 5.50 -7.00 -10.29
N GLN A 61 6.22 -7.82 -9.54
CA GLN A 61 5.63 -8.84 -8.70
C GLN A 61 5.25 -8.25 -7.34
N ARG A 62 4.31 -8.92 -6.66
CA ARG A 62 3.75 -8.39 -5.44
C ARG A 62 3.45 -9.48 -4.43
N SER A 63 3.52 -9.09 -3.16
CA SER A 63 2.86 -9.79 -2.05
C SER A 63 2.04 -8.71 -1.37
N GLU A 64 0.73 -8.75 -1.58
CA GLU A 64 -0.10 -7.58 -1.26
C GLU A 64 -1.49 -8.01 -0.80
N LEU A 65 -1.95 -7.35 0.25
CA LEU A 65 -3.34 -7.42 0.64
C LEU A 65 -4.18 -6.43 -0.17
N ARG A 66 -5.36 -6.87 -0.57
CA ARG A 66 -6.34 -6.13 -1.36
C ARG A 66 -7.61 -6.02 -0.53
N GLU A 67 -8.12 -4.81 -0.37
CA GLU A 67 -9.30 -4.57 0.45
C GLU A 67 -10.54 -5.31 -0.02
N MET A 68 -11.25 -5.90 0.94
CA MET A 68 -12.45 -6.69 0.72
C MET A 68 -13.52 -6.24 1.70
N GLU A 69 -14.77 -6.46 1.37
CA GLU A 69 -15.83 -6.35 2.35
C GLU A 69 -15.98 -7.68 3.09
N THR A 70 -16.53 -7.60 4.30
CA THR A 70 -16.78 -8.81 5.07
C THR A 70 -17.81 -9.71 4.40
N SER A 71 -18.68 -9.15 3.54
CA SER A 71 -19.61 -9.94 2.75
C SER A 71 -18.94 -10.87 1.74
N GLY A 72 -17.65 -10.67 1.47
CA GLY A 72 -16.97 -11.33 0.37
C GLY A 72 -16.98 -10.54 -0.93
N ASP A 73 -17.74 -9.44 -0.99
CA ASP A 73 -17.65 -8.52 -2.12
C ASP A 73 -16.26 -7.88 -2.12
N GLU A 74 -15.73 -7.64 -3.32
CA GLU A 74 -14.54 -6.81 -3.42
C GLU A 74 -14.90 -5.40 -2.98
N ALA A 75 -13.99 -4.75 -2.29
CA ALA A 75 -14.19 -3.34 -2.03
C ALA A 75 -14.20 -2.60 -3.36
N ALA A 76 -15.19 -1.73 -3.51
CA ALA A 76 -15.35 -0.97 -4.75
C ALA A 76 -16.11 0.29 -4.41
N TRP A 77 -15.54 1.13 -3.54
CA TRP A 77 -16.23 2.34 -3.12
C TRP A 77 -16.04 3.47 -4.12
N ASP A 78 -17.01 4.38 -4.15
CA ASP A 78 -16.92 5.56 -5.01
C ASP A 78 -15.64 6.32 -4.72
N CYS A 79 -14.74 6.42 -5.72
CA CYS A 79 -13.42 7.01 -5.47
C CYS A 79 -13.53 8.42 -4.92
N THR A 80 -14.55 9.16 -5.34
CA THR A 80 -14.73 10.57 -4.99
C THR A 80 -16.04 10.84 -4.25
N GLY A 81 -16.62 9.81 -3.63
CA GLY A 81 -17.88 9.94 -2.91
C GLY A 81 -17.73 10.65 -1.57
N SER A 82 -18.88 10.79 -0.89
CA SER A 82 -18.94 11.57 0.34
C SER A 82 -18.50 10.79 1.56
N THR A 83 -18.54 9.46 1.51
CA THR A 83 -18.06 8.64 2.61
C THR A 83 -16.55 8.74 2.67
N ALA A 84 -16.00 8.97 3.86
CA ALA A 84 -14.55 8.96 4.01
C ALA A 84 -14.06 7.52 4.02
N HIS A 85 -12.95 7.29 3.33
CA HIS A 85 -12.24 6.02 3.40
C HIS A 85 -10.84 6.29 3.92
N VAL A 86 -10.45 5.54 4.95
CA VAL A 86 -9.20 5.81 5.66
C VAL A 86 -8.43 4.51 5.77
N ALA A 87 -7.15 4.56 5.40
CA ALA A 87 -6.24 3.45 5.64
C ALA A 87 -5.15 3.95 6.57
N SER A 88 -4.83 3.16 7.59
CA SER A 88 -3.76 3.51 8.52
C SER A 88 -2.83 2.33 8.69
N ALA A 89 -1.53 2.60 8.71
CA ALA A 89 -0.56 1.54 8.79
C ALA A 89 0.68 2.05 9.52
N GLN A 90 1.25 1.19 10.36
CA GLN A 90 2.56 1.44 10.95
C GLN A 90 3.54 0.54 10.21
N ILE A 91 4.44 1.14 9.44
CA ILE A 91 5.29 0.42 8.49
C ILE A 91 6.75 0.67 8.85
N ALA A 92 7.52 -0.41 8.92
CA ALA A 92 8.97 -0.35 9.01
C ALA A 92 9.51 -0.81 7.66
N ILE A 93 10.19 0.11 6.97
CA ILE A 93 10.76 -0.15 5.67
C ILE A 93 12.23 -0.50 5.89
N PRO A 94 12.62 -1.77 5.84
CA PRO A 94 14.03 -2.08 6.00
C PRO A 94 14.86 -1.50 4.86
N VAL A 95 16.17 -1.47 5.08
CA VAL A 95 17.07 -1.22 3.96
C VAL A 95 16.86 -2.32 2.93
N GLN A 96 16.60 -1.92 1.69
CA GLN A 96 16.27 -2.92 0.67
C GLN A 96 17.53 -3.59 0.12
N GLU A 97 17.36 -4.84 -0.31
CA GLU A 97 18.44 -5.60 -0.91
C GLU A 97 18.99 -4.89 -2.14
N ASP A 98 20.27 -5.12 -2.41
CA ASP A 98 20.87 -4.59 -3.63
C ASP A 98 20.02 -5.04 -4.82
N GLY A 99 19.77 -4.09 -5.73
CA GLY A 99 18.99 -4.35 -6.92
C GLY A 99 17.53 -3.99 -6.81
N ILE A 100 17.05 -3.68 -5.61
CA ILE A 100 15.68 -3.21 -5.41
C ILE A 100 15.69 -1.69 -5.47
N GLU A 101 14.84 -1.11 -6.34
CA GLU A 101 14.89 0.33 -6.64
C GLU A 101 13.63 1.09 -6.24
N GLU A 102 12.50 0.42 -6.13
CA GLU A 102 11.26 1.05 -5.70
C GLU A 102 10.32 -0.04 -5.22
N VAL A 103 9.67 0.18 -4.07
CA VAL A 103 8.73 -0.78 -3.51
C VAL A 103 7.48 -0.01 -3.10
N THR A 104 6.36 -0.32 -3.73
CA THR A 104 5.07 0.25 -3.33
C THR A 104 4.53 -0.49 -2.11
N ILE A 105 4.16 0.29 -1.08
CA ILE A 105 3.77 -0.25 0.21
C ILE A 105 2.30 -0.02 0.53
N LEU A 106 1.68 1.02 -0.05
CA LEU A 106 0.25 1.28 0.09
C LEU A 106 -0.27 1.80 -1.24
N GLN A 107 -1.52 1.44 -1.56
CA GLN A 107 -2.16 1.97 -2.75
C GLN A 107 -3.61 2.32 -2.47
N VAL A 108 -4.12 3.27 -3.25
CA VAL A 108 -5.54 3.38 -3.60
C VAL A 108 -5.60 3.03 -5.07
N HIS A 109 -6.31 1.94 -5.40
CA HIS A 109 -6.35 1.45 -6.78
C HIS A 109 -7.78 1.51 -7.28
N ASP A 110 -7.97 1.82 -8.59
CA ASP A 110 -9.32 1.74 -9.11
C ASP A 110 -9.65 0.29 -9.47
N SER A 111 -10.90 0.07 -9.85
CA SER A 111 -11.39 -1.28 -10.08
C SER A 111 -11.05 -1.79 -11.47
N ASP A 112 -10.20 -1.07 -12.21
CA ASP A 112 -9.65 -1.56 -13.47
C ASP A 112 -8.12 -1.57 -13.38
N VAL A 113 -7.42 -0.75 -14.16
CA VAL A 113 -5.98 -0.94 -14.26
C VAL A 113 -5.16 0.25 -13.74
N THR A 114 -5.76 1.18 -13.02
CA THR A 114 -5.05 2.42 -12.72
C THR A 114 -4.93 2.64 -11.23
N PRO A 115 -3.71 2.82 -10.70
CA PRO A 115 -3.56 3.23 -9.30
C PRO A 115 -3.80 4.71 -9.15
N VAL A 116 -4.79 5.06 -8.32
CA VAL A 116 -5.00 6.44 -7.92
C VAL A 116 -3.76 6.95 -7.22
N LEU A 117 -3.31 6.21 -6.22
CA LEU A 117 -2.18 6.57 -5.38
C LEU A 117 -1.29 5.36 -5.16
N ARG A 118 0.00 5.56 -5.29
CA ARG A 118 0.98 4.64 -4.74
C ARG A 118 1.84 5.40 -3.73
N ILE A 119 2.06 4.80 -2.58
CA ILE A 119 3.10 5.27 -1.65
C ILE A 119 4.21 4.26 -1.78
N SER A 120 5.42 4.73 -2.09
CA SER A 120 6.51 3.82 -2.41
C SER A 120 7.81 4.35 -1.81
N TRP A 121 8.68 3.41 -1.41
CA TRP A 121 10.08 3.73 -1.20
C TRP A 121 10.77 3.75 -2.55
N VAL A 122 11.66 4.74 -2.76
CA VAL A 122 12.47 4.83 -3.97
C VAL A 122 13.94 5.08 -3.61
N SER A 123 14.84 4.42 -4.35
N SER A 123 14.83 4.34 -4.28
CA SER A 123 16.26 4.71 -4.22
CA SER A 123 16.25 4.65 -4.15
C SER A 123 16.58 6.14 -4.66
C SER A 123 16.55 6.06 -4.60
N SER A 124 15.97 6.61 -5.75
N SER A 124 15.83 6.57 -5.59
CA SER A 124 16.18 7.98 -6.21
CA SER A 124 16.02 7.93 -6.07
C SER A 124 15.00 8.42 -7.09
C SER A 124 14.74 8.38 -6.77
N ILE A 125 14.64 9.69 -6.98
CA ILE A 125 13.57 10.27 -7.77
C ILE A 125 13.96 11.70 -8.11
N THR A 126 13.55 12.18 -9.28
CA THR A 126 13.76 13.58 -9.65
C THR A 126 12.41 14.20 -9.95
N ILE A 127 12.09 15.29 -9.26
CA ILE A 127 10.80 15.96 -9.38
C ILE A 127 11.08 17.44 -9.62
N ASP A 128 10.59 17.95 -10.75
CA ASP A 128 10.77 19.36 -11.11
C ASP A 128 12.22 19.78 -10.92
N GLY A 129 13.14 18.94 -11.38
CA GLY A 129 14.55 19.25 -11.32
C GLY A 129 15.23 19.02 -9.99
N VAL A 130 14.55 18.44 -9.01
CA VAL A 130 15.11 18.24 -7.68
C VAL A 130 15.22 16.74 -7.45
N THR A 131 16.46 16.25 -7.28
CA THR A 131 16.69 14.84 -7.05
C THR A 131 16.78 14.56 -5.55
N SER A 132 16.03 13.57 -5.11
CA SER A 132 16.04 13.07 -3.74
C SER A 132 16.40 11.59 -3.77
N GLU A 133 17.20 11.16 -2.80
CA GLU A 133 17.60 9.76 -2.72
C GLU A 133 17.09 9.17 -1.41
N ASP A 134 16.66 7.91 -1.50
CA ASP A 134 16.29 7.13 -0.33
C ASP A 134 15.13 7.80 0.42
N VAL A 135 14.01 7.97 -0.30
CA VAL A 135 12.84 8.64 0.24
C VAL A 135 11.58 7.81 0.03
N VAL A 136 10.54 8.20 0.76
CA VAL A 136 9.19 7.69 0.59
C VAL A 136 8.40 8.74 -0.18
N LEU A 137 7.67 8.27 -1.19
CA LEU A 137 7.10 9.07 -2.26
C LEU A 137 5.61 8.78 -2.40
N ALA A 138 4.81 9.81 -2.67
CA ALA A 138 3.45 9.64 -3.16
C ALA A 138 3.38 9.90 -4.67
N THR A 139 2.69 9.03 -5.39
CA THR A 139 2.52 9.12 -6.83
C THR A 139 1.04 9.07 -7.12
N ILE A 140 0.47 10.15 -7.67
CA ILE A 140 -0.95 10.20 -8.01
C ILE A 140 -1.07 10.33 -9.53
N ARG A 141 -1.72 9.36 -10.15
CA ARG A 141 -1.88 9.38 -11.60
C ARG A 141 -2.83 10.50 -12.01
N ASN A 142 -2.49 11.20 -13.10
CA ASN A 142 -3.24 12.38 -13.52
C ASN A 142 -4.53 12.04 -14.23
N GLY A 143 -4.67 10.81 -14.69
CA GLY A 143 -5.91 10.38 -15.32
C GLY A 143 -5.76 8.95 -15.79
N ILE A 144 -6.90 8.35 -16.12
CA ILE A 144 -6.88 6.98 -16.61
C ILE A 144 -6.21 6.91 -17.98
N ASP A 145 -6.41 7.93 -18.82
CA ASP A 145 -5.82 8.01 -20.14
C ASP A 145 -4.53 8.81 -20.18
N ASP A 146 -3.89 9.03 -19.04
CA ASP A 146 -2.69 9.85 -18.96
C ASP A 146 -1.71 9.10 -18.07
N SER A 147 -0.63 8.59 -18.66
CA SER A 147 0.30 7.81 -17.86
C SER A 147 1.14 8.69 -16.93
N THR A 148 1.07 10.01 -17.07
CA THR A 148 1.85 10.87 -16.19
C THR A 148 1.23 10.92 -14.78
N ALA A 149 2.03 11.39 -13.84
CA ALA A 149 1.62 11.41 -12.45
C ALA A 149 2.27 12.60 -11.74
N THR A 150 1.58 13.07 -10.71
CA THR A 150 2.09 14.08 -9.79
C THR A 150 2.78 13.35 -8.65
N LYS A 151 4.03 13.71 -8.38
CA LYS A 151 4.84 13.04 -7.38
C LYS A 151 5.20 14.00 -6.27
N THR A 152 5.17 13.50 -5.03
CA THR A 152 5.44 14.30 -3.84
C THR A 152 6.29 13.48 -2.88
N VAL A 153 7.46 14.01 -2.51
CA VAL A 153 8.25 13.38 -1.47
C VAL A 153 7.53 13.57 -0.14
N LEU A 154 7.30 12.47 0.59
CA LEU A 154 6.65 12.48 1.89
C LEU A 154 7.61 12.45 3.07
N GLN A 155 8.72 11.72 2.97
CA GLN A 155 9.55 11.39 4.13
C GLN A 155 10.92 10.96 3.66
N ALA A 156 11.95 11.35 4.40
CA ALA A 156 13.23 10.67 4.24
C ALA A 156 13.09 9.24 4.78
N HIS A 157 13.66 8.27 4.08
CA HIS A 157 13.55 6.90 4.53
C HIS A 157 14.25 6.73 5.89
N THR A 158 13.53 6.08 6.80
CA THR A 158 14.09 5.57 8.03
C THR A 158 13.70 4.12 8.17
N THR A 159 14.50 3.36 8.92
CA THR A 159 14.08 2.01 9.28
C THR A 159 13.10 1.98 10.44
N SER A 160 12.90 3.12 11.11
CA SER A 160 11.99 3.19 12.24
C SER A 160 10.55 2.97 11.81
N ARG A 161 9.77 2.34 12.69
CA ARG A 161 8.34 2.20 12.45
C ARG A 161 7.71 3.56 12.26
N THR A 162 6.99 3.73 11.15
CA THR A 162 6.41 5.01 10.75
C THR A 162 4.92 4.85 10.51
N GLU A 163 4.13 5.80 11.01
CA GLU A 163 2.69 5.76 10.79
C GLU A 163 2.30 6.49 9.51
N PHE A 164 1.58 5.79 8.63
CA PHE A 164 1.07 6.36 7.39
C PHE A 164 -0.45 6.32 7.46
N ASN A 165 -1.09 7.44 7.12
N ASN A 165 -1.09 7.45 7.18
CA ASN A 165 -2.55 7.54 7.09
CA ASN A 165 -2.54 7.49 7.08
C ASN A 165 -2.97 8.14 5.77
C ASN A 165 -2.89 8.08 5.71
N ILE A 166 -3.87 7.45 5.05
CA ILE A 166 -4.44 7.95 3.80
C ILE A 166 -5.91 8.24 4.08
N ASN A 167 -6.33 9.48 3.83
CA ASN A 167 -7.73 9.87 3.99
C ASN A 167 -8.30 10.27 2.65
N VAL A 168 -9.34 9.58 2.20
CA VAL A 168 -9.99 9.85 0.91
C VAL A 168 -11.44 10.22 1.17
N GLN A 169 -11.83 11.41 0.73
CA GLN A 169 -13.21 11.85 0.91
C GLN A 169 -13.49 12.99 -0.06
N ASN A 170 -14.64 12.92 -0.74
N ASN A 170 -14.71 12.99 -0.58
CA ASN A 170 -15.18 14.02 -1.55
CA ASN A 170 -15.06 13.85 -1.70
C ASN A 170 -14.19 14.57 -2.59
C ASN A 170 -13.96 13.60 -2.74
N SER A 171 -13.46 13.66 -3.24
N SER A 171 -13.64 14.59 -3.57
CA SER A 171 -12.60 13.93 -4.41
CA SER A 171 -12.60 14.38 -4.57
C SER A 171 -11.26 14.57 -4.02
C SER A 171 -11.20 14.71 -4.05
N LYS A 172 -10.92 14.53 -2.74
CA LYS A 172 -9.64 14.97 -2.21
C LYS A 172 -9.00 13.80 -1.46
N LEU A 173 -7.66 13.74 -1.50
CA LEU A 173 -6.90 12.70 -0.84
C LEU A 173 -5.80 13.34 -0.02
N SER A 174 -5.65 12.93 1.24
CA SER A 174 -4.63 13.46 2.14
C SER A 174 -3.79 12.31 2.69
N ILE A 175 -2.51 12.60 2.94
CA ILE A 175 -1.56 11.65 3.50
C ILE A 175 -0.88 12.31 4.68
N THR A 176 -0.91 11.63 5.83
CA THR A 176 -0.16 12.06 7.00
C THR A 176 0.87 11.00 7.31
N VAL A 177 2.03 11.48 7.78
CA VAL A 177 3.18 10.65 8.09
C VAL A 177 3.62 11.05 9.48
N ASP A 178 3.60 10.10 10.41
CA ASP A 178 3.91 10.38 11.82
C ASP A 178 3.19 11.65 12.28
N GLY A 179 1.91 11.75 11.92
CA GLY A 179 1.05 12.80 12.42
C GLY A 179 1.11 14.10 11.66
N THR A 180 1.99 14.22 10.69
CA THR A 180 2.21 15.46 9.94
C THR A 180 1.62 15.29 8.56
N THR A 181 0.79 16.25 8.15
CA THR A 181 0.20 16.18 6.81
C THR A 181 1.29 16.47 5.79
N GLU A 182 1.57 15.49 4.92
CA GLU A 182 2.57 15.67 3.87
C GLU A 182 1.96 15.82 2.50
N LEU A 183 0.70 15.45 2.34
CA LEU A 183 -0.05 15.71 1.11
C LEU A 183 -1.43 16.19 1.56
N ASP A 184 -1.75 17.46 1.31
CA ASP A 184 -2.94 18.10 1.86
C ASP A 184 -4.03 18.24 0.79
N GLU A 185 -5.01 17.32 0.80
CA GLU A 185 -6.19 17.41 -0.06
C GLU A 185 -5.82 17.59 -1.54
N ALA A 186 -4.93 16.72 -2.00
CA ALA A 186 -4.70 16.57 -3.43
C ALA A 186 -5.98 16.20 -4.16
N ASP A 187 -6.17 16.79 -5.33
CA ASP A 187 -7.34 16.53 -6.15
C ASP A 187 -7.26 15.15 -6.80
N ILE A 188 -8.36 14.38 -6.72
CA ILE A 188 -8.44 13.12 -7.44
C ILE A 188 -9.73 13.04 -8.26
N SER A 189 -10.26 14.20 -8.64
CA SER A 189 -11.49 14.26 -9.42
C SER A 189 -11.34 13.54 -10.77
N GLN A 190 -10.11 13.30 -11.25
CA GLN A 190 -9.96 12.51 -12.46
C GLN A 190 -10.47 11.09 -12.28
N PHE A 191 -10.76 10.66 -11.05
CA PHE A 191 -11.37 9.36 -10.79
C PHE A 191 -12.87 9.46 -10.44
N ASP A 192 -13.51 10.59 -10.75
CA ASP A 192 -14.97 10.64 -10.68
C ASP A 192 -15.54 9.51 -11.52
N GLY A 193 -16.51 8.78 -10.99
CA GLY A 193 -17.06 7.70 -11.79
C GLY A 193 -16.23 6.42 -11.82
N SER A 194 -15.09 6.39 -11.16
CA SER A 194 -14.38 5.15 -10.86
C SER A 194 -14.78 4.64 -9.47
N THR A 195 -14.54 3.36 -9.23
CA THR A 195 -14.58 2.78 -7.88
C THR A 195 -13.17 2.35 -7.51
N CYS A 196 -12.96 2.21 -6.20
CA CYS A 196 -11.63 2.20 -5.64
C CYS A 196 -11.55 1.22 -4.47
N TYR A 197 -10.30 0.92 -4.10
CA TYR A 197 -10.04 0.09 -2.94
C TYR A 197 -8.60 0.32 -2.48
N PHE A 198 -8.32 -0.07 -1.26
CA PHE A 198 -6.97 0.05 -0.72
C PHE A 198 -6.18 -1.23 -0.97
N LYS A 199 -4.86 -1.09 -1.01
CA LYS A 199 -3.95 -2.22 -0.99
C LYS A 199 -2.79 -1.91 -0.05
N ALA A 200 -2.17 -2.96 0.46
CA ALA A 200 -0.99 -2.79 1.30
C ALA A 200 -0.09 -4.01 1.20
N GLY A 201 1.21 -3.77 1.16
CA GLY A 201 2.15 -4.86 1.18
C GLY A 201 3.48 -4.50 0.56
N ALA A 202 4.00 -5.37 -0.31
CA ALA A 202 5.22 -5.08 -1.05
C ALA A 202 4.97 -5.34 -2.53
N PHE A 203 5.09 -4.30 -3.35
CA PHE A 203 4.89 -4.36 -4.80
C PHE A 203 6.17 -3.82 -5.42
N ASN A 204 6.94 -4.71 -6.05
CA ASN A 204 8.31 -4.45 -6.48
C ASN A 204 8.31 -3.82 -7.86
N ASN A 205 8.72 -2.55 -7.92
CA ASN A 205 8.69 -1.77 -9.16
C ASN A 205 10.08 -1.58 -9.79
N ASN A 206 10.23 -2.01 -11.05
CA ASN A 206 11.45 -1.80 -11.82
C ASN A 206 12.76 -2.16 -11.11
N PRO A 207 12.87 -3.36 -10.55
CA PRO A 207 14.15 -3.76 -9.96
C PRO A 207 15.23 -3.84 -11.03
N THR A 208 16.48 -3.60 -10.62
CA THR A 208 17.60 -3.89 -11.50
C THR A 208 18.14 -5.29 -11.32
N ASP A 209 17.80 -5.98 -10.23
CA ASP A 209 18.11 -7.40 -10.05
C ASP A 209 16.78 -8.12 -9.87
N THR A 210 16.38 -8.88 -10.89
CA THR A 210 15.04 -9.45 -10.84
C THR A 210 14.95 -10.62 -9.89
N SER A 211 16.07 -11.09 -9.33
CA SER A 211 16.04 -12.14 -8.33
C SER A 211 16.10 -11.61 -6.89
N ALA A 212 16.31 -10.31 -6.69
CA ALA A 212 16.39 -9.76 -5.35
C ALA A 212 15.00 -9.65 -4.71
N ASN A 213 14.96 -9.71 -3.38
CA ASN A 213 13.70 -9.70 -2.65
C ASN A 213 13.43 -8.31 -2.09
N ALA A 214 12.30 -7.72 -2.47
CA ALA A 214 11.73 -6.60 -1.72
C ALA A 214 11.06 -7.11 -0.45
N ARG A 215 11.10 -6.31 0.61
CA ARG A 215 10.66 -6.77 1.92
C ARG A 215 10.12 -5.58 2.70
N ILE A 216 8.88 -5.69 3.20
CA ILE A 216 8.19 -4.58 3.88
C ILE A 216 7.49 -5.16 5.10
N LYS A 217 7.55 -4.47 6.25
CA LYS A 217 6.97 -4.98 7.49
C LYS A 217 5.92 -4.02 8.04
N MET A 218 4.78 -4.58 8.44
N MET A 218 4.79 -4.57 8.47
CA MET A 218 3.67 -3.83 9.02
CA MET A 218 3.73 -3.75 9.04
C MET A 218 3.47 -4.25 10.46
C MET A 218 3.39 -4.21 10.44
N TYR A 219 3.44 -3.27 11.37
CA TYR A 219 3.15 -3.54 12.77
C TYR A 219 1.66 -3.38 13.07
N GLU A 220 0.98 -2.54 12.30
CA GLU A 220 -0.45 -2.30 12.43
C GLU A 220 -0.96 -2.01 11.04
N LEU A 221 -2.18 -2.44 10.74
CA LEU A 221 -2.80 -2.09 9.47
C LEU A 221 -4.32 -2.14 9.63
N GLU A 222 -4.98 -1.10 9.16
CA GLU A 222 -6.43 -1.13 9.10
C GLU A 222 -6.93 -0.23 7.99
N TRP A 223 -8.15 -0.54 7.55
CA TRP A 223 -8.91 0.28 6.63
C TRP A 223 -10.38 0.24 7.00
N VAL A 224 -10.97 1.43 6.98
CA VAL A 224 -12.25 1.71 7.62
C VAL A 224 -13.01 2.66 6.72
N ASP A 225 -14.33 2.69 6.90
CA ASP A 225 -15.16 3.76 6.36
C ASP A 225 -15.64 4.63 7.51
N HIS A 226 -15.94 5.89 7.19
CA HIS A 226 -16.59 6.79 8.14
C HIS A 226 -17.70 7.47 7.38
N HIS A 227 -18.93 7.23 7.80
CA HIS A 227 -20.07 7.66 6.99
C HIS A 227 -20.49 9.07 7.36
N HIS A 228 -20.66 9.89 6.31
CA HIS A 228 -20.80 11.33 6.41
C HIS A 228 -22.14 11.76 7.01
#